data_5D5X
#
_entry.id   5D5X
#
_cell.length_a   73.733
_cell.length_b   43.328
_cell.length_c   88.780
_cell.angle_alpha   90.000
_cell.angle_beta   92.780
_cell.angle_gamma   90.000
#
_symmetry.space_group_name_H-M   'C 1 2 1'
#
loop_
_entity.id
_entity.type
_entity.pdbx_description
1 polymer 'SSRE DNA strand 1'
2 polymer 'SSRE DNA strand 2'
3 polymer 'Putative transcription factor'
4 water water
#
loop_
_entity_poly.entity_id
_entity_poly.type
_entity_poly.pdbx_seq_one_letter_code
_entity_poly.pdbx_strand_id
1 'polydeoxyribonucleotide' (DG)(DG)(DC)(DC)(DC)(DA)(DG)(DC)(DC)(DA)(DA)(DA)(DT) A
2 'polydeoxyribonucleotide' (DA)(DT)(DT)(DT)(DG)(DG)(DC)(DT)(DG)(DG)(DG)(DC)(DC) D
3 'polypeptide(L)'
;SSDFVRKLYKMLEDPSYHSVVRWSDDGDSFVVLENEKFTKTILPKHFKHSNFASFVRQLNKYDFHKVRHNDENGESPYGR
DAWEFKHPEFRADRKDNLDNIRRK
;
B,E
#
# COMPACT_ATOMS: atom_id res chain seq x y z
N SER C 2 15.09 -15.75 -8.84
CA SER C 2 16.06 -15.74 -9.98
C SER C 2 16.54 -14.32 -10.26
N ASP C 3 15.60 -13.45 -10.60
CA ASP C 3 15.88 -12.10 -11.03
C ASP C 3 15.62 -11.04 -9.94
N PHE C 4 14.60 -11.27 -9.11
CA PHE C 4 14.13 -10.27 -8.16
C PHE C 4 15.22 -9.73 -7.26
N VAL C 5 15.96 -10.64 -6.64
CA VAL C 5 16.93 -10.29 -5.62
C VAL C 5 18.09 -9.49 -6.22
N ARG C 6 18.49 -9.81 -7.44
CA ARG C 6 19.60 -9.12 -8.09
C ARG C 6 19.17 -7.70 -8.45
N LYS C 7 17.93 -7.58 -8.94
CA LYS C 7 17.37 -6.27 -9.31
C LYS C 7 17.16 -5.39 -8.11
N LEU C 8 16.65 -5.98 -7.03
CA LEU C 8 16.52 -5.29 -5.76
C LEU C 8 17.88 -4.76 -5.27
N TYR C 9 18.91 -5.61 -5.30
CA TYR C 9 20.25 -5.18 -4.95
C TYR C 9 20.69 -4.03 -5.85
N LYS C 10 20.41 -4.15 -7.15
CA LYS C 10 20.80 -3.14 -8.12
C LYS C 10 20.14 -1.80 -7.84
N MET C 11 18.86 -1.85 -7.48
CA MET C 11 18.09 -0.66 -7.14
C MET C 11 18.79 0.13 -6.04
N LEU C 12 19.21 -0.59 -5.00
CA LEU C 12 19.83 0.02 -3.83
C LEU C 12 21.26 0.52 -4.12
N GLU C 13 21.81 0.20 -5.29
CA GLU C 13 23.11 0.74 -5.73
C GLU C 13 23.04 2.18 -6.20
N ASP C 14 21.83 2.71 -6.32
CA ASP C 14 21.64 4.05 -6.86
C ASP C 14 21.49 5.08 -5.76
N PRO C 15 22.48 6.00 -5.66
CA PRO C 15 22.48 7.02 -4.62
C PRO C 15 21.46 8.14 -4.82
N SER C 16 21.06 8.39 -6.07
CA SER C 16 20.05 9.40 -6.36
C SER C 16 18.74 9.14 -5.60
N TYR C 17 18.46 7.88 -5.29
CA TYR C 17 17.26 7.51 -4.51
C TYR C 17 17.45 7.62 -3.01
N HIS C 18 18.51 8.28 -2.56
CA HIS C 18 18.88 8.20 -1.14
C HIS C 18 17.75 8.62 -0.18
N SER C 19 17.03 9.68 -0.52
CA SER C 19 15.97 10.16 0.34
C SER C 19 14.73 9.24 0.32
N VAL C 20 14.62 8.42 -0.74
CA VAL C 20 13.41 7.62 -0.98
C VAL C 20 13.54 6.19 -0.50
N VAL C 21 14.56 5.50 -0.98
CA VAL C 21 14.85 4.15 -0.56
C VAL C 21 16.36 3.95 -0.56
N ARG C 22 16.88 3.33 0.50
CA ARG C 22 18.32 3.10 0.60
C ARG C 22 18.63 2.02 1.61
N TRP C 23 19.91 1.68 1.75
CA TRP C 23 20.32 0.71 2.77
C TRP C 23 20.20 1.32 4.15
N SER C 24 20.02 0.49 5.16
CA SER C 24 19.98 0.99 6.53
C SER C 24 21.40 1.23 6.98
N ASP C 25 21.54 2.09 7.98
CA ASP C 25 22.84 2.43 8.61
C ASP C 25 23.83 1.28 8.64
N ASP C 26 23.39 0.13 9.12
CA ASP C 26 24.26 -1.05 9.29
C ASP C 26 24.36 -1.89 8.02
N GLY C 27 23.74 -1.46 6.93
CA GLY C 27 23.83 -2.18 5.66
C GLY C 27 23.19 -3.58 5.64
N ASP C 28 22.41 -3.89 6.66
CA ASP C 28 21.89 -5.25 6.86
C ASP C 28 20.38 -5.36 6.57
N SER C 29 19.80 -4.27 6.09
CA SER C 29 18.39 -4.18 5.76
C SER C 29 18.17 -2.92 4.96
N PHE C 30 17.04 -2.83 4.29
CA PHE C 30 16.74 -1.64 3.52
C PHE C 30 15.38 -1.06 3.90
N VAL C 31 15.26 0.24 3.68
CA VAL C 31 14.16 1.03 4.18
C VAL C 31 13.60 1.83 3.03
N VAL C 32 12.27 1.88 2.94
CA VAL C 32 11.56 2.76 2.03
C VAL C 32 11.04 3.93 2.83
N LEU C 33 11.47 5.14 2.51
CA LEU C 33 11.15 6.31 3.31
C LEU C 33 9.96 7.10 2.79
N GLU C 34 9.84 7.23 1.47
CA GLU C 34 8.77 7.99 0.86
C GLU C 34 8.13 7.05 -0.14
N ASN C 35 7.17 6.26 0.33
CA ASN C 35 6.68 5.17 -0.52
C ASN C 35 5.79 5.63 -1.68
N GLU C 36 5.22 6.83 -1.57
CA GLU C 36 4.53 7.44 -2.72
C GLU C 36 5.50 7.67 -3.87
N LYS C 37 6.57 8.42 -3.57
CA LYS C 37 7.64 8.70 -4.54
C LYS C 37 8.28 7.40 -5.02
N PHE C 38 8.51 6.48 -4.08
CA PHE C 38 9.04 5.16 -4.41
C PHE C 38 8.12 4.43 -5.36
N THR C 39 6.83 4.39 -5.01
CA THR C 39 5.85 3.61 -5.73
C THR C 39 5.67 4.11 -7.15
N LYS C 40 5.65 5.43 -7.31
CA LYS C 40 5.25 6.04 -8.57
C LYS C 40 6.43 6.35 -9.49
N THR C 41 7.64 6.38 -8.94
CA THR C 41 8.83 6.71 -9.73
C THR C 41 9.83 5.56 -9.78
N ILE C 42 10.19 5.01 -8.62
CA ILE C 42 11.26 4.00 -8.54
C ILE C 42 10.81 2.58 -8.86
N LEU C 43 9.67 2.18 -8.30
CA LEU C 43 9.16 0.83 -8.58
C LEU C 43 9.09 0.45 -10.07
N PRO C 44 8.42 1.28 -10.90
CA PRO C 44 8.27 0.95 -12.34
C PRO C 44 9.60 0.80 -13.06
N LYS C 45 10.55 1.65 -12.69
CA LYS C 45 11.89 1.61 -13.24
C LYS C 45 12.50 0.22 -13.07
N HIS C 46 12.41 -0.34 -11.87
CA HIS C 46 13.16 -1.55 -11.56
C HIS C 46 12.37 -2.86 -11.67
N PHE C 47 11.04 -2.81 -11.48
CA PHE C 47 10.20 -4.01 -11.48
C PHE C 47 8.98 -3.99 -12.42
N LYS C 48 8.73 -2.84 -13.04
CA LYS C 48 7.73 -2.71 -14.11
C LYS C 48 6.30 -2.72 -13.60
N HIS C 49 6.11 -2.46 -12.30
CA HIS C 49 4.79 -2.19 -11.73
C HIS C 49 4.89 -1.02 -10.79
N SER C 50 3.74 -0.51 -10.34
CA SER C 50 3.74 0.65 -9.44
C SER C 50 2.71 0.46 -8.33
N ASN C 51 2.75 -0.75 -7.75
CA ASN C 51 1.90 -1.14 -6.64
C ASN C 51 2.79 -1.63 -5.51
N PHE C 52 2.76 -0.91 -4.41
CA PHE C 52 3.63 -1.19 -3.28
C PHE C 52 3.29 -2.56 -2.71
N ALA C 53 2.00 -2.88 -2.69
CA ALA C 53 1.51 -4.16 -2.16
C ALA C 53 2.16 -5.33 -2.82
N SER C 54 2.39 -5.23 -4.14
CA SER C 54 3.01 -6.32 -4.89
C SER C 54 4.47 -6.41 -4.56
N PHE C 55 5.10 -5.26 -4.40
CA PHE C 55 6.49 -5.25 -4.02
C PHE C 55 6.59 -5.95 -2.68
N VAL C 56 5.65 -5.67 -1.78
CA VAL C 56 5.69 -6.26 -0.45
C VAL C 56 5.47 -7.75 -0.57
N ARG C 57 4.51 -8.14 -1.40
CA ARG C 57 4.22 -9.55 -1.62
C ARG C 57 5.45 -10.29 -2.11
N GLN C 58 6.06 -9.86 -3.21
CA GLN C 58 7.32 -10.46 -3.65
C GLN C 58 8.32 -10.57 -2.48
N LEU C 59 8.48 -9.51 -1.72
CA LEU C 59 9.45 -9.56 -0.62
C LEU C 59 9.20 -10.75 0.28
N ASN C 60 7.96 -10.92 0.74
CA ASN C 60 7.60 -12.09 1.60
C ASN C 60 7.77 -13.41 0.89
N LYS C 61 7.48 -13.46 -0.39
CA LYS C 61 7.74 -14.71 -1.14
C LYS C 61 9.20 -15.10 -1.07
N TYR C 62 10.10 -14.13 -0.94
CA TYR C 62 11.53 -14.42 -0.87
C TYR C 62 12.05 -14.49 0.57
N ASP C 63 11.14 -14.43 1.52
CA ASP C 63 11.43 -14.59 2.94
C ASP C 63 12.06 -13.35 3.56
N PHE C 64 11.84 -12.19 2.95
CA PHE C 64 12.12 -10.93 3.62
C PHE C 64 11.03 -10.72 4.67
N HIS C 65 11.29 -9.90 5.66
CA HIS C 65 10.33 -9.67 6.71
C HIS C 65 10.32 -8.18 7.02
N LYS C 66 9.13 -7.64 7.24
CA LYS C 66 9.03 -6.25 7.61
C LYS C 66 9.56 -6.15 9.02
N VAL C 67 10.40 -5.15 9.25
CA VAL C 67 11.00 -4.97 10.55
C VAL C 67 10.17 -3.95 11.31
N ARG C 68 9.31 -4.45 12.20
CA ARG C 68 8.51 -3.63 13.10
C ARG C 68 9.38 -2.78 14.02
N HIS C 69 9.32 -1.46 13.84
CA HIS C 69 10.02 -0.53 14.74
C HIS C 69 9.18 -0.38 15.99
N ASN C 70 9.86 -0.16 17.12
CA ASN C 70 9.20 0.24 18.37
C ASN C 70 9.87 1.51 18.94
N ASP C 71 9.08 2.39 19.56
CA ASP C 71 9.55 3.70 20.07
C ASP C 71 11.00 3.70 20.62
N GLU C 72 11.75 4.75 20.28
CA GLU C 72 13.14 4.89 20.75
C GLU C 72 13.82 6.09 20.10
N PRO C 77 13.42 6.00 14.50
CA PRO C 77 13.85 5.21 13.33
C PRO C 77 14.09 6.11 12.09
N TYR C 78 13.31 5.91 11.02
CA TYR C 78 13.47 6.62 9.74
C TYR C 78 12.25 7.50 9.41
N GLY C 79 11.33 7.63 10.37
CA GLY C 79 10.00 8.17 10.12
C GLY C 79 9.01 7.04 10.35
N ARG C 80 7.78 7.36 10.77
CA ARG C 80 6.80 6.29 11.07
C ARG C 80 6.18 5.68 9.82
N ASP C 81 6.22 6.41 8.71
CA ASP C 81 5.77 5.92 7.40
C ASP C 81 6.88 5.17 6.64
N ALA C 82 7.99 4.91 7.31
CA ALA C 82 9.08 4.14 6.72
C ALA C 82 8.73 2.65 6.79
N TRP C 83 9.19 1.89 5.81
CA TRP C 83 9.01 0.44 5.76
C TRP C 83 10.40 -0.14 5.64
N GLU C 84 10.83 -0.85 6.67
CA GLU C 84 12.14 -1.51 6.66
C GLU C 84 11.95 -3.00 6.45
N PHE C 85 12.72 -3.55 5.51
CA PHE C 85 12.62 -4.95 5.17
C PHE C 85 13.99 -5.58 5.38
N LYS C 86 14.01 -6.87 5.71
CA LYS C 86 15.22 -7.53 6.16
C LYS C 86 15.25 -9.02 5.83
N HIS C 87 16.35 -9.48 5.23
CA HIS C 87 16.64 -10.90 5.01
C HIS C 87 18.05 -11.17 5.52
N PRO C 88 18.23 -12.21 6.36
CA PRO C 88 19.56 -12.52 6.94
C PRO C 88 20.72 -12.48 5.95
N GLU C 89 20.51 -13.04 4.77
CA GLU C 89 21.53 -13.14 3.70
C GLU C 89 21.59 -11.96 2.72
N PHE C 90 20.73 -10.95 2.91
CA PHE C 90 20.69 -9.83 1.98
C PHE C 90 21.36 -8.68 2.70
N ARG C 91 22.54 -8.28 2.22
CA ARG C 91 23.35 -7.26 2.90
C ARG C 91 24.15 -6.47 1.89
N ALA C 92 24.33 -5.18 2.17
CA ALA C 92 25.11 -4.27 1.32
C ALA C 92 26.46 -4.85 0.87
N ASP C 93 27.15 -5.53 1.76
CA ASP C 93 28.48 -6.04 1.50
C ASP C 93 28.50 -7.52 1.10
N ARG C 94 27.35 -8.03 0.66
CA ARG C 94 27.24 -9.44 0.25
C ARG C 94 26.60 -9.58 -1.13
N LYS C 95 27.08 -8.81 -2.10
CA LYS C 95 26.64 -8.96 -3.50
C LYS C 95 26.92 -10.40 -4.00
N ASP C 96 27.87 -11.06 -3.36
CA ASP C 96 28.24 -12.46 -3.65
C ASP C 96 27.26 -13.53 -3.14
N ASN C 97 26.29 -13.15 -2.32
CA ASN C 97 25.47 -14.12 -1.60
C ASN C 97 24.01 -14.16 -2.08
N LEU C 98 23.71 -13.45 -3.17
CA LEU C 98 22.31 -13.24 -3.62
C LEU C 98 21.61 -14.51 -4.09
N ASP C 99 22.38 -15.52 -4.46
CA ASP C 99 21.83 -16.80 -4.93
C ASP C 99 21.19 -17.59 -3.80
N ASN C 100 21.66 -17.37 -2.58
CA ASN C 100 21.14 -18.06 -1.40
C ASN C 100 19.87 -17.41 -0.83
N ILE C 101 19.27 -16.50 -1.61
CA ILE C 101 18.01 -15.87 -1.26
C ILE C 101 16.98 -16.41 -2.24
N ARG C 102 16.19 -17.37 -1.77
CA ARG C 102 15.32 -18.16 -2.62
C ARG C 102 13.86 -17.96 -2.30
N ARG C 103 13.01 -18.05 -3.31
CA ARG C 103 11.57 -18.19 -3.11
C ARG C 103 11.33 -19.29 -2.08
N LYS C 104 10.88 -18.91 -0.88
CA LYS C 104 10.59 -19.89 0.16
C LYS C 104 9.50 -20.87 -0.27
N SER D 2 -22.87 -1.77 11.57
CA SER D 2 -21.39 -1.99 11.56
C SER D 2 -20.61 -0.70 11.79
N ASP D 3 -19.54 -0.80 12.58
CA ASP D 3 -18.77 0.38 12.97
C ASP D 3 -17.95 0.88 11.77
N PHE D 4 -17.12 0.00 11.21
CA PHE D 4 -16.33 0.30 10.02
C PHE D 4 -17.20 0.80 8.86
N VAL D 5 -18.28 0.10 8.56
CA VAL D 5 -19.12 0.49 7.42
C VAL D 5 -19.67 1.89 7.63
N ARG D 6 -20.29 2.13 8.79
CA ARG D 6 -20.80 3.47 9.11
C ARG D 6 -19.77 4.57 8.92
N LYS D 7 -18.53 4.28 9.28
CA LYS D 7 -17.43 5.23 9.14
C LYS D 7 -17.01 5.39 7.68
N LEU D 8 -17.06 4.30 6.93
CA LEU D 8 -16.80 4.35 5.50
C LEU D 8 -17.82 5.27 4.81
N TYR D 9 -19.09 5.12 5.15
CA TYR D 9 -20.13 5.97 4.58
C TYR D 9 -20.00 7.43 5.02
N LYS D 10 -19.58 7.64 6.26
CA LYS D 10 -19.41 9.00 6.77
C LYS D 10 -18.28 9.73 6.03
N MET D 11 -17.21 9.00 5.76
CA MET D 11 -16.06 9.48 4.98
C MET D 11 -16.48 10.01 3.62
N LEU D 12 -17.41 9.29 3.00
CA LEU D 12 -17.87 9.58 1.66
C LEU D 12 -18.96 10.64 1.63
N GLU D 13 -19.31 11.19 2.80
CA GLU D 13 -20.22 12.34 2.88
C GLU D 13 -19.47 13.65 2.63
N ASP D 14 -18.25 13.77 3.16
CA ASP D 14 -17.53 15.05 3.10
C ASP D 14 -16.98 15.28 1.70
N PRO D 15 -17.43 16.35 1.02
CA PRO D 15 -16.90 16.66 -0.32
C PRO D 15 -15.49 17.24 -0.35
N SER D 16 -15.01 17.83 0.74
CA SER D 16 -13.63 18.36 0.76
C SER D 16 -12.66 17.32 0.20
N TYR D 17 -13.00 16.06 0.38
CA TYR D 17 -12.19 14.93 -0.08
C TYR D 17 -12.35 14.60 -1.56
N HIS D 18 -13.23 15.31 -2.26
CA HIS D 18 -13.77 14.86 -3.53
C HIS D 18 -12.75 14.30 -4.52
N SER D 19 -11.65 15.02 -4.68
CA SER D 19 -10.63 14.64 -5.67
C SER D 19 -9.75 13.48 -5.22
N VAL D 20 -9.95 13.01 -4.00
CA VAL D 20 -9.13 11.96 -3.40
C VAL D 20 -9.93 10.69 -3.12
N VAL D 21 -11.14 10.83 -2.60
CA VAL D 21 -11.98 9.66 -2.31
C VAL D 21 -13.46 10.05 -2.41
N ARG D 22 -14.16 9.42 -3.35
CA ARG D 22 -15.55 9.77 -3.61
C ARG D 22 -16.35 8.59 -4.08
N TRP D 23 -17.67 8.72 -4.03
CA TRP D 23 -18.59 7.77 -4.65
C TRP D 23 -18.31 7.75 -6.13
N SER D 24 -18.57 6.63 -6.78
CA SER D 24 -18.47 6.54 -8.23
C SER D 24 -19.66 7.24 -8.82
N ASP D 25 -19.65 7.41 -10.14
CA ASP D 25 -20.70 8.09 -10.89
C ASP D 25 -22.08 7.46 -10.64
N ASP D 26 -22.16 6.15 -10.81
CA ASP D 26 -23.37 5.38 -10.53
C ASP D 26 -23.85 5.51 -9.07
N GLY D 27 -22.91 5.67 -8.15
CA GLY D 27 -23.21 5.70 -6.73
C GLY D 27 -23.23 4.32 -6.10
N ASP D 28 -22.83 3.31 -6.86
CA ASP D 28 -22.88 1.92 -6.39
C ASP D 28 -21.52 1.36 -5.95
N SER D 29 -20.50 2.22 -5.97
CA SER D 29 -19.15 1.87 -5.54
C SER D 29 -18.42 3.16 -5.20
N PHE D 30 -17.26 3.06 -4.55
CA PHE D 30 -16.45 4.25 -4.23
C PHE D 30 -15.03 4.13 -4.73
N VAL D 31 -14.40 5.29 -4.95
CA VAL D 31 -13.13 5.37 -5.65
C VAL D 31 -12.12 6.13 -4.81
N VAL D 32 -10.98 5.50 -4.54
CA VAL D 32 -9.84 6.16 -3.94
C VAL D 32 -8.94 6.60 -5.06
N LEU D 33 -8.95 7.91 -5.38
CA LEU D 33 -8.31 8.45 -6.60
C LEU D 33 -6.83 8.66 -6.42
N GLU D 34 -6.46 9.39 -5.39
CA GLU D 34 -5.07 9.46 -4.93
C GLU D 34 -4.88 8.47 -3.79
N ASN D 35 -3.61 8.25 -3.40
CA ASN D 35 -3.29 7.32 -2.33
C ASN D 35 -2.61 7.99 -1.14
N GLU D 36 -1.66 8.89 -1.41
CA GLU D 36 -0.84 9.48 -0.35
C GLU D 36 -1.69 10.34 0.56
N LYS D 37 -2.42 11.29 0.00
CA LYS D 37 -3.25 12.18 0.80
C LYS D 37 -4.36 11.40 1.50
N PHE D 38 -4.87 10.36 0.85
CA PHE D 38 -5.82 9.45 1.50
C PHE D 38 -5.15 8.74 2.67
N THR D 39 -4.06 8.04 2.38
CA THR D 39 -3.34 7.26 3.38
C THR D 39 -2.87 8.14 4.53
N LYS D 40 -2.32 9.31 4.22
CA LYS D 40 -1.73 10.20 5.23
C LYS D 40 -2.73 11.12 5.93
N THR D 41 -3.61 11.76 5.16
CA THR D 41 -4.53 12.77 5.71
C THR D 41 -5.91 12.23 6.08
N ILE D 42 -6.49 11.38 5.25
CA ILE D 42 -7.89 10.96 5.45
C ILE D 42 -8.06 9.65 6.23
N LEU D 43 -7.27 8.63 5.92
CA LEU D 43 -7.34 7.38 6.66
C LEU D 43 -7.26 7.58 8.18
N PRO D 44 -6.22 8.30 8.64
CA PRO D 44 -6.08 8.54 10.08
C PRO D 44 -7.27 9.19 10.74
N LYS D 45 -7.91 10.14 10.06
CA LYS D 45 -9.01 10.90 10.66
C LYS D 45 -10.28 10.07 10.84
N HIS D 46 -10.43 9.00 10.06
CA HIS D 46 -11.64 8.19 10.11
C HIS D 46 -11.40 6.78 10.64
N PHE D 47 -10.17 6.27 10.51
CA PHE D 47 -9.83 4.93 10.97
C PHE D 47 -8.58 4.93 11.83
N LYS D 48 -8.36 3.83 12.54
CA LYS D 48 -7.21 3.68 13.43
C LYS D 48 -6.06 3.05 12.64
N HIS D 49 -5.56 3.81 11.67
CA HIS D 49 -4.31 3.52 11.00
C HIS D 49 -3.99 4.57 9.94
N SER D 50 -2.74 4.55 9.53
CA SER D 50 -2.32 5.07 8.25
C SER D 50 -1.53 3.90 7.64
N ASN D 51 -2.27 3.04 6.94
CA ASN D 51 -1.71 1.97 6.18
C ASN D 51 -2.76 1.53 5.18
N PHE D 52 -2.59 1.93 3.93
CA PHE D 52 -3.59 1.71 2.89
C PHE D 52 -4.05 0.26 2.83
N ALA D 53 -3.11 -0.67 3.01
CA ALA D 53 -3.34 -2.09 2.90
C ALA D 53 -4.19 -2.70 4.04
N SER D 54 -4.07 -2.15 5.25
CA SER D 54 -4.99 -2.51 6.35
C SER D 54 -6.39 -2.00 6.06
N PHE D 55 -6.48 -0.90 5.30
CA PHE D 55 -7.77 -0.40 4.86
C PHE D 55 -8.34 -1.42 3.87
N VAL D 56 -7.54 -1.78 2.86
CA VAL D 56 -7.96 -2.76 1.87
C VAL D 56 -8.38 -4.06 2.54
N ARG D 57 -7.52 -4.57 3.43
CA ARG D 57 -7.81 -5.82 4.16
C ARG D 57 -9.17 -5.81 4.85
N GLN D 58 -9.46 -4.75 5.59
CA GLN D 58 -10.77 -4.57 6.20
C GLN D 58 -11.92 -4.60 5.18
N LEU D 59 -11.71 -4.03 4.01
CA LEU D 59 -12.72 -4.04 2.96
C LEU D 59 -13.05 -5.45 2.51
N ASN D 60 -12.03 -6.27 2.25
CA ASN D 60 -12.23 -7.68 1.88
C ASN D 60 -12.91 -8.53 2.98
N LYS D 61 -12.61 -8.22 4.25
CA LYS D 61 -13.31 -8.85 5.39
C LYS D 61 -14.81 -8.58 5.40
N TYR D 62 -15.23 -7.43 4.89
CA TYR D 62 -16.65 -7.08 4.82
C TYR D 62 -17.25 -7.43 3.46
N ASP D 63 -16.50 -8.16 2.63
CA ASP D 63 -16.94 -8.65 1.31
C ASP D 63 -17.00 -7.58 0.19
N PHE D 64 -16.32 -6.45 0.36
CA PHE D 64 -16.10 -5.54 -0.75
C PHE D 64 -15.07 -6.18 -1.67
N HIS D 65 -15.19 -5.93 -2.96
CA HIS D 65 -14.25 -6.46 -3.92
C HIS D 65 -13.71 -5.29 -4.73
N LYS D 66 -12.42 -5.36 -5.06
CA LYS D 66 -11.83 -4.40 -5.97
C LYS D 66 -12.39 -4.62 -7.37
N VAL D 67 -12.77 -3.53 -8.03
CA VAL D 67 -13.29 -3.59 -9.39
C VAL D 67 -12.14 -3.40 -10.35
N ARG D 68 -11.97 -4.36 -11.26
CA ARG D 68 -10.80 -4.38 -12.14
C ARG D 68 -11.05 -3.69 -13.46
N HIS D 69 -10.13 -2.78 -13.80
CA HIS D 69 -10.22 -1.95 -14.99
C HIS D 69 -9.29 -2.47 -16.10
N ASN D 70 -9.68 -2.25 -17.35
CA ASN D 70 -8.92 -2.72 -18.52
C ASN D 70 -8.10 -1.61 -19.16
N SER D 76 -7.69 3.44 -15.54
CA SER D 76 -8.01 4.03 -16.84
C SER D 76 -9.34 4.81 -16.87
N PRO D 77 -10.40 4.29 -16.21
CA PRO D 77 -11.68 5.02 -16.22
C PRO D 77 -11.70 6.19 -15.24
N TYR D 78 -11.33 5.93 -13.98
CA TYR D 78 -11.33 6.94 -12.93
C TYR D 78 -9.96 7.60 -12.84
N GLY D 79 -8.94 6.80 -12.60
CA GLY D 79 -7.57 7.30 -12.51
C GLY D 79 -6.56 6.24 -12.91
N ARG D 80 -5.34 6.67 -13.18
CA ARG D 80 -4.24 5.75 -13.48
C ARG D 80 -4.06 4.73 -12.35
N ASP D 81 -3.82 5.24 -11.15
CA ASP D 81 -3.62 4.42 -9.95
C ASP D 81 -4.75 4.62 -8.92
N ALA D 82 -5.98 4.58 -9.41
CA ALA D 82 -7.15 4.69 -8.56
C ALA D 82 -7.60 3.29 -8.15
N TRP D 83 -8.17 3.17 -6.95
CA TRP D 83 -8.70 1.90 -6.47
C TRP D 83 -10.21 2.04 -6.30
N GLU D 84 -10.98 1.14 -6.88
CA GLU D 84 -12.43 1.21 -6.79
C GLU D 84 -12.90 -0.01 -6.03
N PHE D 85 -13.73 0.20 -5.02
CA PHE D 85 -14.30 -0.93 -4.28
C PHE D 85 -15.82 -0.90 -4.31
N LYS D 86 -16.41 -2.09 -4.31
CA LYS D 86 -17.83 -2.25 -4.52
C LYS D 86 -18.34 -3.37 -3.63
N HIS D 87 -19.45 -3.11 -2.95
CA HIS D 87 -20.20 -4.13 -2.22
C HIS D 87 -21.64 -3.99 -2.71
N PRO D 88 -22.33 -5.12 -2.98
CA PRO D 88 -23.66 -5.03 -3.61
C PRO D 88 -24.63 -4.09 -2.87
N GLU D 89 -24.58 -4.15 -1.55
CA GLU D 89 -25.43 -3.37 -0.66
C GLU D 89 -24.92 -1.96 -0.27
N PHE D 90 -23.66 -1.63 -0.61
CA PHE D 90 -23.07 -0.37 -0.17
C PHE D 90 -23.22 0.67 -1.27
N ARG D 91 -24.17 1.59 -1.06
CA ARG D 91 -24.56 2.55 -2.08
C ARG D 91 -24.88 3.88 -1.45
N ALA D 92 -24.67 4.96 -2.22
CA ALA D 92 -24.92 6.32 -1.74
C ALA D 92 -26.37 6.52 -1.31
N ASP D 93 -27.31 5.97 -2.07
CA ASP D 93 -28.74 6.12 -1.79
C ASP D 93 -29.29 5.18 -0.71
N ARG D 94 -28.56 4.10 -0.42
CA ARG D 94 -28.99 3.12 0.59
C ARG D 94 -28.26 3.29 1.92
N LYS D 95 -28.39 4.47 2.53
CA LYS D 95 -27.83 4.74 3.87
C LYS D 95 -28.46 3.87 4.97
N ASP D 96 -29.70 3.40 4.74
CA ASP D 96 -30.39 2.55 5.69
C ASP D 96 -29.78 1.15 5.81
N ASN D 97 -29.41 0.54 4.69
CA ASN D 97 -29.05 -0.89 4.63
C ASN D 97 -27.61 -1.24 5.05
N LEU D 98 -26.99 -0.42 5.90
CA LEU D 98 -25.57 -0.61 6.21
C LEU D 98 -25.26 -1.84 7.07
N ASP D 99 -26.15 -2.15 8.01
CA ASP D 99 -25.93 -3.28 8.91
C ASP D 99 -25.98 -4.65 8.20
N ASN D 100 -26.57 -4.66 7.01
CA ASN D 100 -26.63 -5.88 6.20
C ASN D 100 -25.23 -6.32 5.70
N ILE D 101 -24.25 -5.42 5.75
CA ILE D 101 -22.87 -5.70 5.35
C ILE D 101 -22.06 -6.11 6.59
N ARG D 102 -21.46 -7.30 6.55
CA ARG D 102 -20.93 -7.96 7.75
C ARG D 102 -19.72 -8.87 7.48
N ARG D 103 -18.96 -9.17 8.53
CA ARG D 103 -17.67 -9.87 8.40
C ARG D 103 -17.76 -11.33 7.99
N LYS D 104 -17.85 -11.59 6.68
CA LYS D 104 -17.77 -12.95 6.09
C LYS D 104 -17.65 -14.12 7.10
#